data_1YV1
#
_entry.id   1YV1
#
_cell.length_a   46.773
_cell.length_b   72.907
_cell.length_c   118.905
_cell.angle_alpha   90.00
_cell.angle_beta   90.00
_cell.angle_gamma   90.00
#
_symmetry.space_group_name_H-M   'P 21 21 21'
#
loop_
_entity.id
_entity.type
_entity.pdbx_description
1 polymer Nigerythrin
2 non-polymer 'FE (II) ION'
3 water water
#
_entity_poly.entity_id   1
_entity_poly.type   'polypeptide(L)'
_entity_poly.pdbx_seq_one_letter_code
;MKVRAQVPTVKNATNFNMVADSKTSVGSTLENLKAAIAGETGAHAKYTAFAKAAREQGYEQIARLFEATAAAELIHIGLE
YALVAEMEPGYEKPTVAAPSAYSCDLNLISGANGEIYETSDMYPAFIRKAQEEGNSKAVHVFTRAKLAESVHAERYLAAY
NDIDAPDDDKFHLCPICGYIHKGEDFEKCPICFRPKDTFTAY
;
_entity_poly.pdbx_strand_id   A,B
#
loop_
_chem_comp.id
_chem_comp.type
_chem_comp.name
_chem_comp.formula
FE2 non-polymer 'FE (II) ION' 'Fe 2'
#
# COMPACT_ATOMS: atom_id res chain seq x y z
N MET A 1 -7.09 -1.93 10.52
CA MET A 1 -8.05 -0.81 10.72
C MET A 1 -8.71 -0.87 12.09
N LYS A 2 -8.60 0.23 12.83
CA LYS A 2 -9.16 0.33 14.17
C LYS A 2 -10.66 0.58 14.17
N VAL A 3 -11.32 0.10 15.22
CA VAL A 3 -12.75 0.27 15.38
C VAL A 3 -13.03 1.63 16.02
N ARG A 4 -13.78 2.47 15.33
CA ARG A 4 -14.14 3.79 15.83
C ARG A 4 -15.43 3.68 16.64
N ALA A 5 -15.81 4.76 17.32
CA ALA A 5 -17.02 4.77 18.12
C ALA A 5 -18.25 4.72 17.21
N GLN A 6 -18.06 5.12 15.96
CA GLN A 6 -19.14 5.11 15.00
C GLN A 6 -18.70 4.51 13.67
N VAL A 7 -19.67 4.06 12.88
N VAL A 7 -19.67 4.06 12.88
CA VAL A 7 -19.38 3.47 11.57
CA VAL A 7 -19.38 3.47 11.57
C VAL A 7 -18.88 4.56 10.63
C VAL A 7 -18.88 4.56 10.63
N PRO A 8 -17.73 4.32 9.98
CA PRO A 8 -17.16 5.30 9.05
C PRO A 8 -18.05 5.56 7.83
N THR A 9 -18.19 6.84 7.49
CA THR A 9 -19.01 7.25 6.34
C THR A 9 -18.32 8.44 5.69
N VAL A 10 -18.78 8.81 4.50
CA VAL A 10 -18.19 9.95 3.80
C VAL A 10 -18.45 11.22 4.62
N LYS A 11 -19.46 11.18 5.48
CA LYS A 11 -19.80 12.33 6.31
C LYS A 11 -18.88 12.53 7.51
N ASN A 12 -18.46 11.44 8.15
CA ASN A 12 -17.61 11.56 9.34
C ASN A 12 -16.14 11.15 9.19
N ALA A 13 -15.74 10.75 7.98
CA ALA A 13 -14.35 10.33 7.75
C ALA A 13 -13.58 11.34 6.93
N THR A 14 -12.25 11.31 7.03
CA THR A 14 -11.44 12.27 6.29
C THR A 14 -10.50 11.66 5.25
N ASN A 15 -10.78 10.45 4.82
CA ASN A 15 -9.97 9.83 3.78
C ASN A 15 -10.84 9.50 2.56
N PHE A 16 -11.74 10.42 2.24
CA PHE A 16 -12.63 10.26 1.10
C PHE A 16 -12.34 11.24 -0.03
N ASN A 17 -11.20 11.93 0.04
CA ASN A 17 -10.86 12.86 -1.02
C ASN A 17 -10.41 12.07 -2.24
N MET A 18 -10.66 12.60 -3.42
CA MET A 18 -10.27 11.92 -4.66
C MET A 18 -9.06 12.60 -5.27
N VAL A 19 -8.22 11.80 -5.94
CA VAL A 19 -7.02 12.34 -6.57
C VAL A 19 -7.40 13.37 -7.64
N ALA A 20 -6.59 14.42 -7.75
CA ALA A 20 -6.82 15.49 -8.71
C ALA A 20 -6.65 14.99 -10.14
N ASP A 21 -5.57 14.25 -10.37
CA ASP A 21 -5.31 13.71 -11.71
C ASP A 21 -5.94 12.32 -11.79
N SER A 22 -7.26 12.31 -11.92
CA SER A 22 -8.01 11.05 -11.98
C SER A 22 -7.83 10.26 -13.27
N LYS A 23 -7.87 8.94 -13.13
CA LYS A 23 -7.75 8.03 -14.26
C LYS A 23 -9.11 7.37 -14.42
N THR A 24 -10.12 7.98 -13.81
CA THR A 24 -11.47 7.44 -13.84
C THR A 24 -12.42 8.23 -14.73
N SER A 25 -13.16 7.51 -15.58
CA SER A 25 -14.16 8.13 -16.44
C SER A 25 -15.44 8.13 -15.61
N VAL A 26 -15.99 9.31 -15.36
CA VAL A 26 -17.18 9.43 -14.55
C VAL A 26 -18.43 9.78 -15.35
N GLY A 27 -19.43 8.92 -15.27
CA GLY A 27 -20.69 9.15 -15.97
C GLY A 27 -21.83 9.22 -14.97
N SER A 28 -23.01 8.74 -15.36
CA SER A 28 -24.14 8.73 -14.45
C SER A 28 -23.85 7.68 -13.39
N THR A 29 -24.58 7.74 -12.27
CA THR A 29 -24.37 6.75 -11.22
C THR A 29 -24.61 5.35 -11.76
N LEU A 30 -25.60 5.21 -12.65
CA LEU A 30 -25.89 3.92 -13.24
C LEU A 30 -24.66 3.41 -13.99
N GLU A 31 -24.09 4.27 -14.83
CA GLU A 31 -22.90 3.92 -15.59
C GLU A 31 -21.72 3.63 -14.67
N ASN A 32 -21.63 4.37 -13.57
CA ASN A 32 -20.53 4.18 -12.62
C ASN A 32 -20.66 2.86 -11.88
N LEU A 33 -21.89 2.48 -11.54
CA LEU A 33 -22.12 1.20 -10.86
C LEU A 33 -21.68 0.08 -11.79
N LYS A 34 -22.01 0.20 -13.07
CA LYS A 34 -21.63 -0.82 -14.04
C LYS A 34 -20.11 -0.87 -14.21
N ALA A 35 -19.48 0.29 -14.22
CA ALA A 35 -18.04 0.37 -14.38
C ALA A 35 -17.36 -0.27 -13.16
N ALA A 36 -17.93 -0.04 -11.98
CA ALA A 36 -17.38 -0.61 -10.76
C ALA A 36 -17.49 -2.13 -10.81
N ILE A 37 -18.65 -2.63 -11.22
CA ILE A 37 -18.85 -4.07 -11.32
C ILE A 37 -17.84 -4.69 -12.28
N ALA A 38 -17.60 -4.02 -13.39
CA ALA A 38 -16.63 -4.53 -14.37
C ALA A 38 -15.25 -4.60 -13.73
N GLY A 39 -14.90 -3.56 -12.98
CA GLY A 39 -13.62 -3.53 -12.30
C GLY A 39 -13.51 -4.60 -11.23
N GLU A 40 -14.60 -4.79 -10.49
CA GLU A 40 -14.65 -5.78 -9.42
C GLU A 40 -14.52 -7.19 -10.02
N THR A 41 -15.17 -7.38 -11.15
CA THR A 41 -15.14 -8.67 -11.84
C THR A 41 -13.71 -8.95 -12.29
N GLY A 42 -13.03 -7.91 -12.77
CA GLY A 42 -11.66 -8.07 -13.19
C GLY A 42 -10.78 -8.40 -11.99
N ALA A 43 -11.05 -7.74 -10.86
CA ALA A 43 -10.28 -7.97 -9.64
C ALA A 43 -10.45 -9.39 -9.15
N HIS A 44 -11.68 -9.90 -9.18
CA HIS A 44 -11.94 -11.26 -8.74
C HIS A 44 -11.18 -12.27 -9.59
N ALA A 45 -11.18 -12.06 -10.91
CA ALA A 45 -10.47 -12.95 -11.81
C ALA A 45 -8.98 -12.87 -11.56
N LYS A 46 -8.51 -11.65 -11.33
CA LYS A 46 -7.11 -11.38 -11.07
C LYS A 46 -6.64 -12.11 -9.81
N TYR A 47 -7.36 -11.90 -8.71
CA TYR A 47 -7.00 -12.53 -7.44
C TYR A 47 -7.14 -14.04 -7.47
N THR A 48 -8.11 -14.54 -8.24
CA THR A 48 -8.29 -15.97 -8.35
C THR A 48 -7.05 -16.56 -9.04
N ALA A 49 -6.59 -15.85 -10.06
CA ALA A 49 -5.40 -16.28 -10.80
C ALA A 49 -4.16 -16.18 -9.92
N PHE A 50 -4.09 -15.12 -9.12
CA PHE A 50 -2.94 -14.93 -8.23
C PHE A 50 -2.89 -16.00 -7.15
N ALA A 51 -4.06 -16.45 -6.70
CA ALA A 51 -4.13 -17.49 -5.68
C ALA A 51 -3.61 -18.80 -6.27
N LYS A 52 -4.04 -19.10 -7.49
CA LYS A 52 -3.61 -20.32 -8.18
C LYS A 52 -2.09 -20.31 -8.29
N ALA A 53 -1.55 -19.20 -8.75
CA ALA A 53 -0.11 -19.06 -8.90
C ALA A 53 0.60 -19.16 -7.55
N ALA A 54 0.03 -18.50 -6.54
CA ALA A 54 0.63 -18.52 -5.21
C ALA A 54 0.80 -19.95 -4.71
N ARG A 55 -0.21 -20.79 -4.91
CA ARG A 55 -0.12 -22.18 -4.46
C ARG A 55 0.97 -22.92 -5.23
N GLU A 56 1.05 -22.70 -6.53
CA GLU A 56 2.05 -23.37 -7.35
C GLU A 56 3.44 -22.87 -6.96
N GLN A 57 3.49 -21.63 -6.49
CA GLN A 57 4.74 -21.00 -6.07
C GLN A 57 5.13 -21.35 -4.64
N GLY A 58 4.24 -22.04 -3.93
CA GLY A 58 4.54 -22.45 -2.57
C GLY A 58 4.17 -21.51 -1.43
N TYR A 59 3.35 -20.51 -1.71
CA TYR A 59 2.93 -19.58 -0.66
C TYR A 59 1.47 -19.86 -0.32
N GLU A 60 1.23 -20.84 0.54
CA GLU A 60 -0.13 -21.20 0.91
C GLU A 60 -0.91 -20.11 1.63
N GLN A 61 -0.27 -19.41 2.56
CA GLN A 61 -0.99 -18.37 3.28
C GLN A 61 -1.35 -17.20 2.36
N ILE A 62 -0.41 -16.81 1.51
CA ILE A 62 -0.69 -15.70 0.60
C ILE A 62 -1.80 -16.13 -0.37
N ALA A 63 -1.81 -17.40 -0.75
CA ALA A 63 -2.85 -17.89 -1.64
C ALA A 63 -4.20 -17.70 -0.96
N ARG A 64 -4.27 -18.02 0.33
CA ARG A 64 -5.51 -17.86 1.09
C ARG A 64 -5.93 -16.40 1.16
N LEU A 65 -4.96 -15.49 1.24
CA LEU A 65 -5.30 -14.06 1.29
C LEU A 65 -5.89 -13.65 -0.06
N PHE A 66 -5.30 -14.12 -1.15
CA PHE A 66 -5.83 -13.80 -2.48
C PHE A 66 -7.24 -14.36 -2.63
N GLU A 67 -7.47 -15.54 -2.07
CA GLU A 67 -8.79 -16.16 -2.16
C GLU A 67 -9.80 -15.39 -1.33
N ALA A 68 -9.39 -14.93 -0.15
CA ALA A 68 -10.27 -14.16 0.72
C ALA A 68 -10.60 -12.83 0.07
N THR A 69 -9.61 -12.20 -0.55
CA THR A 69 -9.85 -10.91 -1.19
C THR A 69 -10.72 -11.09 -2.44
N ALA A 70 -10.55 -12.21 -3.14
CA ALA A 70 -11.37 -12.46 -4.31
C ALA A 70 -12.82 -12.55 -3.84
N ALA A 71 -13.03 -13.24 -2.73
CA ALA A 71 -14.37 -13.39 -2.16
C ALA A 71 -14.91 -12.03 -1.76
N ALA A 72 -14.03 -11.16 -1.28
CA ALA A 72 -14.44 -9.81 -0.88
C ALA A 72 -14.96 -9.04 -2.08
N GLU A 73 -14.30 -9.19 -3.23
CA GLU A 73 -14.73 -8.47 -4.42
C GLU A 73 -16.08 -9.00 -4.89
N LEU A 74 -16.34 -10.29 -4.64
N LEU A 74 -16.34 -10.29 -4.64
CA LEU A 74 -17.61 -10.88 -5.04
CA LEU A 74 -17.61 -10.88 -5.04
C LEU A 74 -18.73 -10.27 -4.21
C LEU A 74 -18.73 -10.27 -4.21
N ILE A 75 -18.40 -9.90 -2.97
CA ILE A 75 -19.36 -9.28 -2.07
C ILE A 75 -19.69 -7.89 -2.63
N HIS A 76 -18.66 -7.17 -3.08
CA HIS A 76 -18.86 -5.85 -3.65
C HIS A 76 -19.72 -5.92 -4.90
N ILE A 77 -19.47 -6.94 -5.72
CA ILE A 77 -20.26 -7.14 -6.94
C ILE A 77 -21.73 -7.36 -6.57
N GLY A 78 -21.97 -8.14 -5.52
CA GLY A 78 -23.33 -8.41 -5.10
C GLY A 78 -24.05 -7.15 -4.68
N LEU A 79 -23.36 -6.28 -3.94
CA LEU A 79 -23.95 -5.03 -3.47
C LEU A 79 -24.26 -4.10 -4.63
N GLU A 80 -23.34 -3.98 -5.57
CA GLU A 80 -23.51 -3.09 -6.71
C GLU A 80 -24.52 -3.63 -7.71
N TYR A 81 -24.52 -4.95 -7.91
CA TYR A 81 -25.44 -5.57 -8.84
C TYR A 81 -26.88 -5.41 -8.36
N ALA A 82 -27.09 -5.57 -7.06
CA ALA A 82 -28.44 -5.42 -6.50
C ALA A 82 -29.02 -4.06 -6.86
N LEU A 83 -28.20 -3.03 -6.80
N LEU A 83 -28.18 -3.03 -6.81
CA LEU A 83 -28.64 -1.67 -7.13
CA LEU A 83 -28.62 -1.67 -7.11
C LEU A 83 -28.86 -1.50 -8.62
C LEU A 83 -28.84 -1.48 -8.61
N VAL A 84 -27.91 -1.97 -9.43
CA VAL A 84 -28.03 -1.85 -10.87
C VAL A 84 -29.25 -2.58 -11.38
N ALA A 85 -29.52 -3.76 -10.83
CA ALA A 85 -30.66 -4.56 -11.25
C ALA A 85 -31.95 -3.77 -11.02
N GLU A 86 -31.99 -3.04 -9.91
CA GLU A 86 -33.15 -2.22 -9.57
C GLU A 86 -33.29 -1.07 -10.56
N MET A 87 -32.15 -0.49 -10.94
CA MET A 87 -32.11 0.63 -11.87
C MET A 87 -32.23 0.23 -13.34
N GLU A 88 -31.92 -1.04 -13.62
CA GLU A 88 -32.00 -1.59 -14.98
C GLU A 88 -32.12 -3.10 -14.80
N PRO A 89 -33.36 -3.59 -14.60
N PRO A 89 -33.36 -3.59 -14.60
CA PRO A 89 -33.70 -5.00 -14.40
CA PRO A 89 -33.70 -5.00 -14.40
C PRO A 89 -32.98 -6.05 -15.25
C PRO A 89 -32.98 -6.05 -15.25
N GLY A 90 -32.94 -5.82 -16.57
N GLY A 90 -32.94 -5.82 -16.57
CA GLY A 90 -32.32 -6.79 -17.46
CA GLY A 90 -32.32 -6.79 -17.46
C GLY A 90 -30.80 -6.81 -17.50
C GLY A 90 -30.80 -6.81 -17.50
N TYR A 91 -30.15 -5.91 -16.77
CA TYR A 91 -28.69 -5.84 -16.75
C TYR A 91 -28.00 -7.20 -16.54
N GLU A 92 -26.98 -7.45 -17.35
CA GLU A 92 -26.21 -8.69 -17.26
C GLU A 92 -24.78 -8.40 -16.81
N LYS A 93 -24.34 -9.09 -15.77
CA LYS A 93 -22.98 -8.90 -15.26
C LYS A 93 -21.98 -9.37 -16.30
N PRO A 94 -20.89 -8.60 -16.50
CA PRO A 94 -19.84 -8.93 -17.46
C PRO A 94 -18.97 -10.11 -17.04
N THR A 95 -18.26 -10.67 -18.02
CA THR A 95 -17.36 -11.78 -17.76
C THR A 95 -15.99 -11.28 -18.18
N VAL A 96 -15.00 -11.46 -17.31
CA VAL A 96 -13.64 -11.03 -17.60
C VAL A 96 -12.70 -12.23 -17.52
N ALA A 97 -11.86 -12.38 -18.55
CA ALA A 97 -10.92 -13.48 -18.59
C ALA A 97 -9.83 -13.32 -17.55
N ALA A 98 -9.21 -14.44 -17.16
CA ALA A 98 -8.15 -14.42 -16.17
C ALA A 98 -6.94 -13.68 -16.72
N PRO A 99 -6.46 -12.65 -16.00
CA PRO A 99 -5.30 -11.85 -16.41
C PRO A 99 -4.00 -12.61 -16.19
N SER A 100 -2.91 -12.04 -16.69
CA SER A 100 -1.59 -12.66 -16.56
C SER A 100 -1.09 -12.64 -15.12
N ALA A 101 -0.51 -13.76 -14.68
CA ALA A 101 0.04 -13.85 -13.33
C ALA A 101 1.56 -13.87 -13.42
N TYR A 102 2.21 -13.28 -12.42
CA TYR A 102 3.66 -13.23 -12.37
C TYR A 102 4.12 -13.79 -11.04
N SER A 103 5.33 -13.46 -10.60
CA SER A 103 5.80 -13.99 -9.33
C SER A 103 4.90 -13.47 -8.20
N CYS A 104 4.82 -14.23 -7.11
CA CYS A 104 3.96 -13.87 -5.99
C CYS A 104 4.15 -12.46 -5.47
N ASP A 105 5.40 -12.05 -5.27
CA ASP A 105 5.65 -10.71 -4.75
C ASP A 105 5.08 -9.63 -5.68
N LEU A 106 5.29 -9.79 -6.99
CA LEU A 106 4.78 -8.82 -7.95
C LEU A 106 3.27 -8.82 -7.99
N ASN A 107 2.65 -9.98 -7.80
CA ASN A 107 1.20 -10.08 -7.81
C ASN A 107 0.63 -9.31 -6.61
N LEU A 108 1.31 -9.39 -5.47
CA LEU A 108 0.86 -8.68 -4.28
C LEU A 108 0.91 -7.17 -4.54
N ILE A 109 1.96 -6.72 -5.23
CA ILE A 109 2.10 -5.31 -5.56
C ILE A 109 1.04 -4.88 -6.56
N SER A 110 0.80 -5.71 -7.58
CA SER A 110 -0.22 -5.42 -8.58
C SER A 110 -1.57 -5.26 -7.88
N GLY A 111 -1.82 -6.16 -6.92
CA GLY A 111 -3.06 -6.10 -6.16
C GLY A 111 -3.16 -4.80 -5.38
N ALA A 112 -2.09 -4.47 -4.64
CA ALA A 112 -2.08 -3.24 -3.85
C ALA A 112 -2.32 -2.01 -4.71
N ASN A 113 -1.69 -1.96 -5.87
CA ASN A 113 -1.85 -0.82 -6.77
C ASN A 113 -3.30 -0.65 -7.21
N GLY A 114 -3.98 -1.75 -7.51
CA GLY A 114 -5.37 -1.65 -7.94
C GLY A 114 -6.26 -1.19 -6.80
N GLU A 115 -6.02 -1.74 -5.61
CA GLU A 115 -6.77 -1.39 -4.42
C GLU A 115 -6.63 0.11 -4.13
N ILE A 116 -5.41 0.61 -4.25
CA ILE A 116 -5.15 2.02 -4.00
C ILE A 116 -5.88 2.90 -5.01
N TYR A 117 -5.88 2.50 -6.27
CA TYR A 117 -6.59 3.26 -7.29
C TYR A 117 -8.09 3.32 -6.97
N GLU A 118 -8.65 2.19 -6.57
CA GLU A 118 -10.07 2.15 -6.26
C GLU A 118 -10.45 2.95 -5.02
N THR A 119 -9.62 2.91 -3.98
CA THR A 119 -9.95 3.61 -2.75
C THR A 119 -9.69 5.11 -2.77
N SER A 120 -8.75 5.56 -3.60
CA SER A 120 -8.38 6.97 -3.66
C SER A 120 -8.79 7.72 -4.92
N ASP A 121 -9.22 6.98 -5.94
CA ASP A 121 -9.58 7.59 -7.21
C ASP A 121 -10.99 7.20 -7.64
N MET A 122 -11.15 5.97 -8.09
CA MET A 122 -12.43 5.49 -8.58
C MET A 122 -13.62 5.62 -7.63
N TYR A 123 -13.59 4.95 -6.49
CA TYR A 123 -14.74 5.03 -5.60
C TYR A 123 -15.05 6.42 -5.05
N PRO A 124 -14.01 7.20 -4.67
CA PRO A 124 -14.37 8.54 -4.17
C PRO A 124 -15.07 9.34 -5.28
N ALA A 125 -14.60 9.19 -6.51
CA ALA A 125 -15.21 9.89 -7.64
C ALA A 125 -16.67 9.48 -7.80
N PHE A 126 -16.91 8.17 -7.74
CA PHE A 126 -18.27 7.64 -7.86
C PHE A 126 -19.15 8.05 -6.69
N ILE A 127 -18.57 8.12 -5.50
CA ILE A 127 -19.33 8.52 -4.32
C ILE A 127 -19.83 9.96 -4.47
N ARG A 128 -18.95 10.86 -4.90
CA ARG A 128 -19.33 12.24 -5.06
C ARG A 128 -20.38 12.43 -6.16
N LYS A 129 -20.29 11.66 -7.22
CA LYS A 129 -21.26 11.77 -8.31
C LYS A 129 -22.62 11.26 -7.82
N ALA A 130 -22.60 10.22 -7.00
CA ALA A 130 -23.85 9.66 -6.46
C ALA A 130 -24.51 10.69 -5.54
N GLN A 131 -23.71 11.42 -4.78
CA GLN A 131 -24.24 12.44 -3.89
C GLN A 131 -24.86 13.55 -4.73
N GLU A 132 -24.17 13.91 -5.80
CA GLU A 132 -24.63 14.95 -6.72
C GLU A 132 -25.98 14.61 -7.33
N GLU A 133 -26.19 13.33 -7.63
CA GLU A 133 -27.44 12.89 -8.23
C GLU A 133 -28.46 12.44 -7.18
N GLY A 134 -28.09 12.56 -5.91
CA GLY A 134 -29.00 12.18 -4.83
C GLY A 134 -29.28 10.70 -4.66
N ASN A 135 -28.36 9.85 -5.10
CA ASN A 135 -28.53 8.40 -4.97
C ASN A 135 -27.86 7.93 -3.69
N SER A 136 -28.59 7.98 -2.57
CA SER A 136 -28.06 7.58 -1.28
C SER A 136 -27.65 6.11 -1.21
N LYS A 137 -28.41 5.25 -1.88
CA LYS A 137 -28.08 3.83 -1.88
C LYS A 137 -26.72 3.58 -2.51
N ALA A 138 -26.45 4.28 -3.61
CA ALA A 138 -25.17 4.14 -4.31
C ALA A 138 -24.05 4.69 -3.44
N VAL A 139 -24.31 5.79 -2.74
CA VAL A 139 -23.30 6.37 -1.87
C VAL A 139 -22.88 5.35 -0.84
N HIS A 140 -23.87 4.66 -0.27
CA HIS A 140 -23.61 3.65 0.75
C HIS A 140 -22.80 2.47 0.22
N VAL A 141 -23.22 1.94 -0.93
CA VAL A 141 -22.52 0.81 -1.53
C VAL A 141 -21.08 1.18 -1.88
N PHE A 142 -20.90 2.31 -2.56
CA PHE A 142 -19.58 2.76 -2.95
C PHE A 142 -18.69 3.02 -1.75
N THR A 143 -19.28 3.53 -0.67
CA THR A 143 -18.53 3.82 0.55
C THR A 143 -17.98 2.53 1.15
N ARG A 144 -18.84 1.51 1.26
CA ARG A 144 -18.41 0.24 1.81
C ARG A 144 -17.29 -0.40 1.00
N ALA A 145 -17.42 -0.40 -0.32
CA ALA A 145 -16.40 -0.97 -1.18
C ALA A 145 -15.10 -0.18 -1.00
N LYS A 146 -15.21 1.15 -1.06
CA LYS A 146 -14.06 2.05 -0.91
C LYS A 146 -13.26 1.76 0.36
N LEU A 147 -13.96 1.62 1.48
CA LEU A 147 -13.31 1.36 2.76
C LEU A 147 -12.62 -0.01 2.79
N ALA A 148 -13.25 -0.99 2.15
CA ALA A 148 -12.68 -2.32 2.12
C ALA A 148 -11.42 -2.39 1.27
N GLU A 149 -11.40 -1.66 0.16
CA GLU A 149 -10.24 -1.69 -0.73
C GLU A 149 -8.96 -1.16 -0.07
N SER A 150 -9.06 -0.11 0.75
CA SER A 150 -7.85 0.38 1.40
C SER A 150 -7.34 -0.63 2.41
N VAL A 151 -8.24 -1.41 3.00
CA VAL A 151 -7.84 -2.45 3.95
C VAL A 151 -7.13 -3.55 3.16
N HIS A 152 -7.67 -3.90 1.99
CA HIS A 152 -7.05 -4.90 1.13
C HIS A 152 -5.62 -4.49 0.76
N ALA A 153 -5.45 -3.21 0.44
CA ALA A 153 -4.13 -2.70 0.08
C ALA A 153 -3.14 -2.92 1.20
N GLU A 154 -3.54 -2.58 2.42
CA GLU A 154 -2.65 -2.76 3.56
C GLU A 154 -2.33 -4.24 3.77
N ARG A 155 -3.32 -5.10 3.63
CA ARG A 155 -3.10 -6.53 3.81
C ARG A 155 -2.09 -7.06 2.79
N TYR A 156 -2.18 -6.57 1.57
CA TYR A 156 -1.27 -7.00 0.52
C TYR A 156 0.16 -6.53 0.80
N LEU A 157 0.31 -5.30 1.30
CA LEU A 157 1.65 -4.79 1.60
C LEU A 157 2.23 -5.53 2.81
N ALA A 158 1.40 -5.88 3.77
CA ALA A 158 1.89 -6.60 4.94
C ALA A 158 2.41 -7.97 4.50
N ALA A 159 1.66 -8.63 3.61
CA ALA A 159 2.05 -9.94 3.11
C ALA A 159 3.34 -9.86 2.30
N TYR A 160 3.50 -8.76 1.56
CA TYR A 160 4.68 -8.55 0.74
C TYR A 160 5.91 -8.40 1.66
N ASN A 161 5.77 -7.60 2.71
CA ASN A 161 6.88 -7.39 3.64
C ASN A 161 7.28 -8.66 4.39
N ASP A 162 6.32 -9.56 4.60
CA ASP A 162 6.56 -10.81 5.30
C ASP A 162 6.42 -12.01 4.36
N ILE A 163 6.72 -11.81 3.08
CA ILE A 163 6.57 -12.88 2.11
C ILE A 163 7.33 -14.16 2.49
N ASP A 164 8.46 -14.01 3.17
CA ASP A 164 9.25 -15.17 3.57
C ASP A 164 9.08 -15.50 5.04
N ALA A 165 8.07 -14.89 5.67
CA ALA A 165 7.79 -15.12 7.08
C ALA A 165 6.31 -15.37 7.31
N PRO A 166 5.77 -16.43 6.71
CA PRO A 166 4.34 -16.75 6.88
C PRO A 166 4.06 -17.28 8.28
N ASP A 167 2.78 -17.33 8.64
CA ASP A 167 2.38 -17.86 9.94
C ASP A 167 1.09 -18.64 9.72
N ASP A 168 0.46 -19.09 10.80
CA ASP A 168 -0.75 -19.88 10.65
C ASP A 168 -2.04 -19.09 10.86
N ASP A 169 -1.96 -17.78 10.80
CA ASP A 169 -3.15 -16.94 10.97
C ASP A 169 -4.12 -17.18 9.84
N LYS A 170 -5.41 -17.12 10.17
CA LYS A 170 -6.45 -17.27 9.17
C LYS A 170 -6.88 -15.86 8.80
N PHE A 171 -7.48 -15.70 7.63
CA PHE A 171 -7.98 -14.41 7.21
C PHE A 171 -9.50 -14.45 7.35
N HIS A 172 -10.03 -13.56 8.17
CA HIS A 172 -11.47 -13.51 8.40
C HIS A 172 -12.13 -12.45 7.53
N LEU A 173 -13.10 -12.89 6.74
CA LEU A 173 -13.82 -12.03 5.81
C LEU A 173 -15.21 -11.64 6.29
N CYS A 174 -15.50 -10.34 6.29
CA CYS A 174 -16.82 -9.87 6.69
C CYS A 174 -17.75 -10.07 5.51
N PRO A 175 -18.87 -10.80 5.71
CA PRO A 175 -19.83 -11.07 4.63
C PRO A 175 -20.61 -9.87 4.13
N ILE A 176 -20.59 -8.79 4.91
CA ILE A 176 -21.34 -7.60 4.56
C ILE A 176 -20.59 -6.55 3.74
N CYS A 177 -19.32 -6.30 4.07
CA CYS A 177 -18.56 -5.28 3.35
C CYS A 177 -17.25 -5.72 2.72
N GLY A 178 -16.80 -6.93 3.01
CA GLY A 178 -15.56 -7.39 2.42
C GLY A 178 -14.32 -7.07 3.22
N TYR A 179 -14.50 -6.58 4.43
CA TYR A 179 -13.36 -6.28 5.30
C TYR A 179 -12.64 -7.60 5.58
N ILE A 180 -11.32 -7.55 5.69
CA ILE A 180 -10.54 -8.74 5.99
C ILE A 180 -9.63 -8.49 7.16
N HIS A 181 -9.64 -9.41 8.11
CA HIS A 181 -8.79 -9.31 9.29
C HIS A 181 -7.84 -10.50 9.33
N LYS A 182 -6.59 -10.25 9.69
CA LYS A 182 -5.60 -11.32 9.79
C LYS A 182 -5.46 -11.67 11.27
N GLY A 183 -5.77 -12.91 11.62
CA GLY A 183 -5.67 -13.31 13.00
C GLY A 183 -6.99 -13.27 13.75
N GLU A 184 -6.95 -13.66 15.02
CA GLU A 184 -8.13 -13.71 15.86
C GLU A 184 -8.39 -12.48 16.73
N ASP A 185 -7.39 -11.61 16.84
CA ASP A 185 -7.49 -10.43 17.69
C ASP A 185 -8.46 -9.33 17.26
N PHE A 186 -9.75 -9.64 17.26
CA PHE A 186 -10.78 -8.65 16.91
C PHE A 186 -12.16 -9.14 17.35
N GLU A 187 -13.09 -8.21 17.54
CA GLU A 187 -14.44 -8.57 17.99
C GLU A 187 -15.48 -8.29 16.92
N LYS A 188 -15.27 -7.25 16.12
CA LYS A 188 -16.23 -6.91 15.07
C LYS A 188 -15.57 -6.17 13.92
N CYS A 189 -16.32 -6.05 12.82
CA CYS A 189 -15.84 -5.36 11.63
C CYS A 189 -15.77 -3.86 11.90
N PRO A 190 -14.62 -3.22 11.64
CA PRO A 190 -14.48 -1.78 11.87
C PRO A 190 -15.20 -0.93 10.82
N ILE A 191 -15.60 -1.57 9.72
CA ILE A 191 -16.30 -0.85 8.66
C ILE A 191 -17.82 -0.85 8.85
N CYS A 192 -18.39 -2.00 9.19
CA CYS A 192 -19.84 -2.09 9.37
C CYS A 192 -20.31 -2.63 10.72
N PHE A 193 -19.36 -2.91 11.61
CA PHE A 193 -19.64 -3.41 12.96
C PHE A 193 -20.18 -4.84 13.05
N ARG A 194 -20.12 -5.56 11.94
CA ARG A 194 -20.58 -6.94 11.91
C ARG A 194 -19.78 -7.76 12.94
N PRO A 195 -20.47 -8.47 13.85
CA PRO A 195 -19.77 -9.27 14.84
C PRO A 195 -18.91 -10.37 14.20
N LYS A 196 -17.81 -10.70 14.84
CA LYS A 196 -16.88 -11.70 14.34
C LYS A 196 -17.49 -13.09 14.09
N ASP A 197 -18.55 -13.42 14.84
CA ASP A 197 -19.17 -14.74 14.71
C ASP A 197 -19.77 -15.08 13.34
N THR A 198 -20.08 -14.08 12.52
CA THR A 198 -20.64 -14.35 11.19
C THR A 198 -19.61 -14.22 10.08
N PHE A 199 -18.35 -14.00 10.44
CA PHE A 199 -17.28 -13.89 9.46
C PHE A 199 -16.97 -15.30 8.95
N THR A 200 -16.25 -15.38 7.84
CA THR A 200 -15.83 -16.66 7.28
C THR A 200 -14.31 -16.64 7.27
N ALA A 201 -13.71 -17.73 7.72
CA ALA A 201 -12.26 -17.84 7.79
C ALA A 201 -11.64 -18.47 6.54
N TYR A 202 -10.51 -17.91 6.12
CA TYR A 202 -9.80 -18.42 4.96
C TYR A 202 -8.37 -18.81 5.34
N MET B 1 6.63 -5.85 9.76
CA MET B 1 7.63 -6.80 9.21
C MET B 1 8.23 -7.66 10.32
N LYS B 2 8.16 -8.96 10.13
CA LYS B 2 8.68 -9.91 11.12
C LYS B 2 10.18 -10.09 11.03
N VAL B 3 10.77 -10.42 12.17
CA VAL B 3 12.21 -10.67 12.25
C VAL B 3 12.43 -12.14 11.86
N ARG B 4 13.37 -12.37 10.94
CA ARG B 4 13.68 -13.72 10.50
C ARG B 4 14.97 -14.19 11.18
N ALA B 5 15.37 -15.42 10.93
CA ALA B 5 16.58 -15.97 11.53
C ALA B 5 17.83 -15.19 11.09
N GLN B 6 17.75 -14.59 9.91
CA GLN B 6 18.87 -13.82 9.39
C GLN B 6 18.33 -12.60 8.67
N VAL B 7 19.19 -11.62 8.44
CA VAL B 7 18.78 -10.40 7.76
C VAL B 7 18.44 -10.71 6.31
N PRO B 8 17.37 -10.09 5.81
CA PRO B 8 16.93 -10.30 4.42
C PRO B 8 17.88 -9.71 3.38
N THR B 9 18.18 -10.52 2.36
CA THR B 9 19.05 -10.10 1.26
C THR B 9 18.49 -10.63 -0.05
N VAL B 10 19.05 -10.18 -1.15
CA VAL B 10 18.60 -10.66 -2.46
C VAL B 10 18.91 -12.16 -2.59
N LYS B 11 19.75 -12.66 -1.69
CA LYS B 11 20.14 -14.06 -1.70
C LYS B 11 19.21 -14.99 -0.92
N ASN B 12 18.38 -14.45 -0.04
CA ASN B 12 17.49 -15.28 0.75
C ASN B 12 16.05 -14.78 0.83
N ALA B 13 15.73 -13.73 0.08
CA ALA B 13 14.38 -13.16 0.09
C ALA B 13 13.72 -13.34 -1.26
N THR B 14 12.38 -13.35 -1.27
CA THR B 14 11.65 -13.54 -2.51
C THR B 14 10.77 -12.38 -2.96
N ASN B 15 11.01 -11.19 -2.43
CA ASN B 15 10.26 -10.01 -2.85
C ASN B 15 11.18 -8.97 -3.46
N PHE B 16 12.19 -9.44 -4.21
CA PHE B 16 13.15 -8.55 -4.85
C PHE B 16 12.96 -8.45 -6.35
N ASN B 17 11.85 -8.98 -6.86
CA ASN B 17 11.62 -8.91 -8.30
C ASN B 17 11.19 -7.52 -8.75
N MET B 18 11.53 -7.19 -10.00
CA MET B 18 11.19 -5.91 -10.60
C MET B 18 9.97 -6.10 -11.49
N VAL B 19 9.00 -5.19 -11.39
N VAL B 19 9.00 -5.19 -11.39
CA VAL B 19 7.81 -5.30 -12.23
CA VAL B 19 7.81 -5.30 -12.23
C VAL B 19 8.26 -5.34 -13.69
C VAL B 19 8.26 -5.34 -13.69
N ALA B 20 7.68 -6.26 -14.45
CA ALA B 20 8.05 -6.41 -15.86
C ALA B 20 7.98 -5.12 -16.67
N ASP B 21 6.91 -4.35 -16.50
CA ASP B 21 6.77 -3.10 -17.23
C ASP B 21 7.34 -1.97 -16.38
N SER B 22 8.67 -1.94 -16.28
CA SER B 22 9.37 -0.94 -15.49
C SER B 22 9.37 0.49 -16.02
N LYS B 23 9.24 1.45 -15.10
CA LYS B 23 9.25 2.87 -15.44
C LYS B 23 10.60 3.44 -15.05
N THR B 24 11.62 2.59 -14.97
CA THR B 24 12.94 3.04 -14.55
C THR B 24 14.05 2.95 -15.59
N SER B 25 14.71 4.08 -15.82
CA SER B 25 15.84 4.13 -16.75
C SER B 25 17.03 3.59 -15.97
N VAL B 26 17.67 2.56 -16.50
CA VAL B 26 18.82 1.96 -15.84
C VAL B 26 20.12 2.20 -16.57
N GLY B 27 21.09 2.75 -15.86
CA GLY B 27 22.40 3.02 -16.45
C GLY B 27 23.44 2.24 -15.67
N SER B 28 24.64 2.78 -15.57
CA SER B 28 25.70 2.12 -14.81
C SER B 28 25.31 2.24 -13.35
N THR B 29 25.91 1.41 -12.49
CA THR B 29 25.59 1.49 -11.07
C THR B 29 25.89 2.89 -10.52
N LEU B 30 26.94 3.52 -11.02
CA LEU B 30 27.28 4.88 -10.56
C LEU B 30 26.14 5.83 -10.90
N GLU B 31 25.63 5.72 -12.13
CA GLU B 31 24.54 6.56 -12.58
C GLU B 31 23.27 6.26 -11.77
N ASN B 32 23.05 4.98 -11.48
CA ASN B 32 21.87 4.58 -10.73
C ASN B 32 21.93 5.09 -9.28
N LEU B 33 23.13 5.09 -8.70
CA LEU B 33 23.30 5.59 -7.35
C LEU B 33 22.92 7.06 -7.30
N LYS B 34 23.37 7.82 -8.29
CA LYS B 34 23.06 9.24 -8.36
C LYS B 34 21.57 9.46 -8.58
N ALA B 35 20.96 8.63 -9.41
CA ALA B 35 19.53 8.75 -9.69
C ALA B 35 18.74 8.45 -8.41
N ALA B 36 19.18 7.44 -7.67
CA ALA B 36 18.52 7.08 -6.43
C ALA B 36 18.61 8.23 -5.44
N ILE B 37 19.78 8.86 -5.36
CA ILE B 37 19.96 9.97 -4.44
C ILE B 37 19.01 11.11 -4.81
N ALA B 38 18.85 11.36 -6.10
CA ALA B 38 17.94 12.42 -6.55
C ALA B 38 16.52 12.10 -6.10
N GLY B 39 16.12 10.84 -6.26
CA GLY B 39 14.79 10.44 -5.83
C GLY B 39 14.64 10.54 -4.32
N GLU B 40 15.66 10.09 -3.59
CA GLU B 40 15.61 10.16 -2.13
C GLU B 40 15.48 11.60 -1.65
N THR B 41 16.21 12.49 -2.30
CA THR B 41 16.18 13.91 -1.95
C THR B 41 14.80 14.48 -2.19
N GLY B 42 14.17 14.07 -3.29
CA GLY B 42 12.83 14.53 -3.59
C GLY B 42 11.84 14.00 -2.57
N ALA B 43 12.02 12.74 -2.17
CA ALA B 43 11.13 12.12 -1.19
C ALA B 43 11.25 12.84 0.15
N HIS B 44 12.48 13.18 0.55
CA HIS B 44 12.68 13.88 1.80
C HIS B 44 11.93 15.21 1.80
N ALA B 45 12.07 15.96 0.70
CA ALA B 45 11.40 17.24 0.61
C ALA B 45 9.89 17.08 0.63
N LYS B 46 9.40 16.02 -0.03
CA LYS B 46 7.96 15.78 -0.08
C LYS B 46 7.40 15.45 1.30
N TYR B 47 8.04 14.51 2.00
CA TYR B 47 7.57 14.11 3.32
C TYR B 47 7.68 15.25 4.33
N THR B 48 8.68 16.10 4.17
CA THR B 48 8.84 17.24 5.06
C THR B 48 7.65 18.19 4.87
N ALA B 49 7.26 18.40 3.61
CA ALA B 49 6.13 19.27 3.33
C ALA B 49 4.84 18.62 3.82
N PHE B 50 4.73 17.31 3.63
CA PHE B 50 3.55 16.58 4.06
C PHE B 50 3.40 16.62 5.58
N ALA B 51 4.52 16.56 6.29
CA ALA B 51 4.51 16.60 7.74
C ALA B 51 3.98 17.94 8.23
N LYS B 52 4.45 19.02 7.62
CA LYS B 52 4.02 20.35 8.01
C LYS B 52 2.53 20.51 7.78
N ALA B 53 2.05 20.00 6.65
CA ALA B 53 0.63 20.09 6.32
C ALA B 53 -0.21 19.26 7.29
N ALA B 54 0.29 18.09 7.66
CA ALA B 54 -0.43 17.23 8.58
C ALA B 54 -0.65 17.93 9.92
N ARG B 55 0.39 18.58 10.43
CA ARG B 55 0.27 19.29 11.70
C ARG B 55 -0.76 20.41 11.60
N GLU B 56 -0.74 21.13 10.49
CA GLU B 56 -1.68 22.23 10.27
C GLU B 56 -3.11 21.69 10.21
N GLN B 57 -3.25 20.49 9.66
CA GLN B 57 -4.56 19.87 9.53
C GLN B 57 -5.00 19.12 10.79
N GLY B 58 -4.16 19.15 11.82
CA GLY B 58 -4.50 18.51 13.08
C GLY B 58 -4.16 17.04 13.22
N TYR B 59 -3.37 16.51 12.30
CA TYR B 59 -2.98 15.09 12.36
C TYR B 59 -1.56 14.99 12.93
N GLU B 60 -1.43 15.15 14.24
CA GLU B 60 -0.14 15.11 14.91
C GLU B 60 0.62 13.80 14.72
N GLN B 61 -0.06 12.68 14.88
CA GLN B 61 0.62 11.39 14.73
C GLN B 61 1.08 11.15 13.30
N ILE B 62 0.22 11.46 12.32
CA ILE B 62 0.62 11.28 10.93
C ILE B 62 1.79 12.19 10.61
N ALA B 63 1.81 13.39 11.19
CA ALA B 63 2.91 14.31 10.96
C ALA B 63 4.22 13.66 11.43
N ARG B 64 4.15 13.01 12.59
CA ARG B 64 5.32 12.33 13.13
C ARG B 64 5.77 11.21 12.21
N LEU B 65 4.82 10.51 11.60
CA LEU B 65 5.17 9.43 10.68
C LEU B 65 5.90 10.01 9.46
N PHE B 66 5.40 11.12 8.92
CA PHE B 66 6.03 11.75 7.77
C PHE B 66 7.44 12.24 8.14
N GLU B 67 7.58 12.75 9.36
CA GLU B 67 8.89 13.25 9.81
C GLU B 67 9.87 12.10 9.97
N ALA B 68 9.39 10.98 10.51
CA ALA B 68 10.24 9.81 10.70
C ALA B 68 10.67 9.25 9.35
N THR B 69 9.74 9.21 8.40
CA THR B 69 10.05 8.67 7.08
C THR B 69 10.99 9.61 6.33
N ALA B 70 10.82 10.91 6.51
CA ALA B 70 11.73 11.86 5.85
C ALA B 70 13.14 11.57 6.37
N ALA B 71 13.25 11.34 7.67
CA ALA B 71 14.54 11.05 8.29
C ALA B 71 15.10 9.75 7.75
N ALA B 72 14.21 8.80 7.46
CA ALA B 72 14.65 7.52 6.92
C ALA B 72 15.27 7.71 5.55
N GLU B 73 14.71 8.59 4.74
CA GLU B 73 15.26 8.80 3.40
C GLU B 73 16.63 9.47 3.47
N LEU B 74 16.85 10.26 4.52
N LEU B 74 16.85 10.26 4.52
CA LEU B 74 18.15 10.91 4.67
CA LEU B 74 18.15 10.91 4.67
C LEU B 74 19.20 9.85 4.94
C LEU B 74 19.20 9.85 4.94
N ILE B 75 18.79 8.78 5.63
CA ILE B 75 19.69 7.67 5.94
C ILE B 75 20.07 7.00 4.63
N HIS B 76 19.09 6.82 3.75
CA HIS B 76 19.34 6.20 2.46
C HIS B 76 20.28 7.06 1.63
N ILE B 77 20.10 8.38 1.69
CA ILE B 77 20.97 9.28 0.94
C ILE B 77 22.39 9.10 1.44
N GLY B 78 22.55 9.01 2.75
CA GLY B 78 23.87 8.84 3.33
C GLY B 78 24.57 7.59 2.83
N LEU B 79 23.85 6.48 2.78
CA LEU B 79 24.41 5.21 2.32
C LEU B 79 24.85 5.29 0.86
N GLU B 80 23.99 5.87 0.03
CA GLU B 80 24.26 5.97 -1.40
C GLU B 80 25.34 7.02 -1.70
N TYR B 81 25.27 8.14 -1.02
CA TYR B 81 26.26 9.20 -1.21
C TYR B 81 27.68 8.70 -0.90
N ALA B 82 27.82 7.90 0.16
CA ALA B 82 29.11 7.38 0.55
C ALA B 82 29.76 6.59 -0.59
N LEU B 83 28.96 5.80 -1.30
CA LEU B 83 29.49 5.02 -2.41
C LEU B 83 29.85 5.88 -3.60
N VAL B 84 29.03 6.89 -3.90
CA VAL B 84 29.32 7.77 -5.02
C VAL B 84 30.61 8.56 -4.74
N ALA B 85 30.71 9.08 -3.52
CA ALA B 85 31.87 9.88 -3.13
C ALA B 85 33.20 9.13 -3.34
N GLU B 86 33.16 7.81 -3.20
CA GLU B 86 34.35 7.00 -3.37
C GLU B 86 34.85 6.99 -4.82
N MET B 87 33.93 6.98 -5.77
N MET B 87 33.91 6.99 -5.76
CA MET B 87 34.31 6.99 -7.18
CA MET B 87 34.24 6.98 -7.17
C MET B 87 34.47 8.42 -7.69
C MET B 87 34.43 8.39 -7.71
N GLU B 88 33.65 9.33 -7.16
CA GLU B 88 33.70 10.72 -7.59
C GLU B 88 33.66 11.64 -6.38
N PRO B 89 34.84 11.92 -5.80
CA PRO B 89 34.97 12.78 -4.63
C PRO B 89 34.38 14.18 -4.85
N GLY B 90 34.35 14.61 -6.11
CA GLY B 90 33.82 15.92 -6.43
C GLY B 90 32.31 15.98 -6.50
N TYR B 91 31.66 14.82 -6.42
CA TYR B 91 30.20 14.76 -6.46
C TYR B 91 29.58 15.50 -5.28
N GLU B 92 28.56 16.30 -5.57
CA GLU B 92 27.87 17.05 -4.53
C GLU B 92 26.42 16.63 -4.50
N LYS B 93 25.90 16.35 -3.31
CA LYS B 93 24.51 15.96 -3.17
C LYS B 93 23.62 17.10 -3.63
N PRO B 94 22.57 16.79 -4.40
CA PRO B 94 21.66 17.82 -4.90
C PRO B 94 20.69 18.33 -3.85
N THR B 95 20.08 19.47 -4.15
CA THR B 95 19.08 20.06 -3.28
C THR B 95 17.89 20.32 -4.18
N VAL B 96 16.69 20.16 -3.64
CA VAL B 96 15.47 20.37 -4.42
C VAL B 96 14.51 21.30 -3.69
N ALA B 97 13.58 21.88 -4.44
CA ALA B 97 12.58 22.77 -3.87
C ALA B 97 11.48 21.91 -3.26
N ALA B 98 10.73 22.49 -2.33
CA ALA B 98 9.63 21.77 -1.69
C ALA B 98 8.41 21.74 -2.59
N PRO B 99 7.73 20.59 -2.66
CA PRO B 99 6.52 20.44 -3.48
C PRO B 99 5.29 20.82 -2.66
N SER B 100 4.13 20.85 -3.29
N SER B 100 4.13 20.85 -3.29
CA SER B 100 2.90 21.18 -2.59
CA SER B 100 2.90 21.18 -2.59
C SER B 100 2.39 19.98 -1.79
C SER B 100 2.39 19.98 -1.79
N ALA B 101 1.69 20.29 -0.70
CA ALA B 101 1.12 19.25 0.16
C ALA B 101 -0.38 19.51 0.08
N TYR B 102 -1.16 18.46 -0.12
CA TYR B 102 -2.60 18.62 -0.23
C TYR B 102 -3.27 18.02 1.02
N SER B 103 -4.49 17.52 0.89
CA SER B 103 -5.15 16.93 2.04
C SER B 103 -4.33 15.75 2.54
N CYS B 104 -4.31 15.57 3.86
CA CYS B 104 -3.51 14.52 4.47
C CYS B 104 -3.73 13.11 3.91
N ASP B 105 -4.98 12.73 3.69
CA ASP B 105 -5.24 11.40 3.16
C ASP B 105 -4.60 11.21 1.79
N LEU B 106 -4.71 12.19 0.91
CA LEU B 106 -4.10 12.07 -0.40
C LEU B 106 -2.58 12.10 -0.32
N ASN B 107 -2.04 12.80 0.68
CA ASN B 107 -0.59 12.85 0.83
C ASN B 107 -0.09 11.46 1.22
N LEU B 108 -0.86 10.77 2.07
CA LEU B 108 -0.49 9.41 2.47
C LEU B 108 -0.50 8.48 1.26
N ILE B 109 -1.48 8.65 0.38
CA ILE B 109 -1.56 7.83 -0.83
C ILE B 109 -0.39 8.15 -1.75
N SER B 110 -0.08 9.43 -1.92
CA SER B 110 1.05 9.84 -2.75
C SER B 110 2.31 9.20 -2.20
N GLY B 111 2.45 9.22 -0.88
CA GLY B 111 3.62 8.61 -0.25
C GLY B 111 3.66 7.12 -0.53
N ALA B 112 2.55 6.43 -0.29
CA ALA B 112 2.50 4.99 -0.52
C ALA B 112 2.85 4.64 -1.96
N ASN B 113 2.31 5.38 -2.91
CA ASN B 113 2.59 5.09 -4.32
C ASN B 113 4.06 5.24 -4.66
N GLY B 114 4.70 6.25 -4.08
CA GLY B 114 6.11 6.46 -4.34
C GLY B 114 6.92 5.34 -3.75
N GLU B 115 6.56 4.95 -2.52
CA GLU B 115 7.26 3.87 -1.83
C GLU B 115 7.13 2.57 -2.61
N ILE B 116 5.93 2.29 -3.11
CA ILE B 116 5.69 1.06 -3.86
C ILE B 116 6.51 1.05 -5.15
N TYR B 117 6.58 2.19 -5.82
CA TYR B 117 7.36 2.28 -7.05
C TYR B 117 8.83 1.97 -6.74
N GLU B 118 9.34 2.54 -5.66
CA GLU B 118 10.73 2.31 -5.31
C GLU B 118 11.07 0.89 -4.91
N THR B 119 10.19 0.28 -4.12
CA THR B 119 10.45 -1.07 -3.64
C THR B 119 10.20 -2.17 -4.66
N SER B 120 9.32 -1.94 -5.62
CA SER B 120 8.98 -2.97 -6.61
C SER B 120 9.44 -2.68 -8.03
N ASP B 121 9.99 -1.49 -8.25
CA ASP B 121 10.42 -1.11 -9.58
C ASP B 121 11.85 -0.58 -9.60
N MET B 122 12.03 0.66 -9.14
CA MET B 122 13.34 1.29 -9.15
C MET B 122 14.46 0.54 -8.44
N TYR B 123 14.32 0.30 -7.14
CA TYR B 123 15.39 -0.40 -6.44
C TYR B 123 15.63 -1.82 -6.95
N PRO B 124 14.58 -2.58 -7.25
CA PRO B 124 14.87 -3.93 -7.76
C PRO B 124 15.67 -3.85 -9.06
N ALA B 125 15.36 -2.85 -9.89
CA ALA B 125 16.06 -2.67 -11.16
C ALA B 125 17.52 -2.32 -10.90
N PHE B 126 17.75 -1.41 -9.96
CA PHE B 126 19.11 -0.99 -9.62
C PHE B 126 19.90 -2.11 -8.95
N ILE B 127 19.23 -2.90 -8.12
CA ILE B 127 19.88 -4.01 -7.42
C ILE B 127 20.35 -5.05 -8.44
N ARG B 128 19.47 -5.37 -9.38
CA ARG B 128 19.80 -6.35 -10.41
C ARG B 128 21.00 -5.89 -11.25
N LYS B 129 21.00 -4.62 -11.63
CA LYS B 129 22.11 -4.09 -12.43
C LYS B 129 23.41 -4.16 -11.61
N ALA B 130 23.32 -3.84 -10.33
CA ALA B 130 24.51 -3.89 -9.47
C ALA B 130 25.03 -5.32 -9.37
N GLN B 131 24.12 -6.29 -9.34
CA GLN B 131 24.50 -7.69 -9.29
C GLN B 131 25.21 -8.09 -10.57
N GLU B 132 24.65 -7.68 -11.69
CA GLU B 132 25.21 -8.02 -13.00
C GLU B 132 26.58 -7.37 -13.23
N GLU B 133 26.86 -6.29 -12.52
CA GLU B 133 28.14 -5.58 -12.64
C GLU B 133 29.08 -5.94 -11.48
N GLY B 134 28.64 -6.85 -10.63
CA GLY B 134 29.45 -7.29 -9.50
C GLY B 134 29.76 -6.22 -8.46
N ASN B 135 28.86 -5.26 -8.29
CA ASN B 135 29.06 -4.21 -7.30
C ASN B 135 28.29 -4.58 -6.04
N SER B 136 28.90 -5.40 -5.19
CA SER B 136 28.28 -5.86 -3.97
C SER B 136 27.96 -4.73 -2.98
N LYS B 137 28.79 -3.70 -2.96
CA LYS B 137 28.55 -2.58 -2.06
C LYS B 137 27.23 -1.92 -2.42
N ALA B 138 27.00 -1.72 -3.72
CA ALA B 138 25.77 -1.10 -4.19
C ALA B 138 24.57 -2.01 -3.95
N VAL B 139 24.76 -3.32 -4.15
CA VAL B 139 23.67 -4.26 -3.91
C VAL B 139 23.21 -4.11 -2.47
N HIS B 140 24.17 -4.02 -1.56
CA HIS B 140 23.88 -3.89 -0.14
C HIS B 140 23.08 -2.62 0.16
N VAL B 141 23.59 -1.48 -0.28
CA VAL B 141 22.93 -0.21 -0.05
C VAL B 141 21.52 -0.14 -0.67
N PHE B 142 21.40 -0.58 -1.91
CA PHE B 142 20.10 -0.55 -2.59
C PHE B 142 19.11 -1.50 -1.90
N THR B 143 19.63 -2.61 -1.37
CA THR B 143 18.80 -3.58 -0.67
C THR B 143 18.21 -2.99 0.60
N ARG B 144 19.06 -2.32 1.38
CA ARG B 144 18.59 -1.71 2.62
C ARG B 144 17.51 -0.67 2.34
N ALA B 145 17.73 0.19 1.35
CA ALA B 145 16.73 1.18 1.01
C ALA B 145 15.44 0.50 0.54
N LYS B 146 15.58 -0.46 -0.38
CA LYS B 146 14.44 -1.18 -0.93
C LYS B 146 13.55 -1.80 0.14
N LEU B 147 14.18 -2.47 1.11
CA LEU B 147 13.44 -3.12 2.18
C LEU B 147 12.72 -2.11 3.07
N ALA B 148 13.35 -0.96 3.30
CA ALA B 148 12.73 0.06 4.14
C ALA B 148 11.54 0.69 3.44
N GLU B 149 11.62 0.87 2.13
CA GLU B 149 10.53 1.51 1.40
C GLU B 149 9.23 0.72 1.46
N SER B 150 9.29 -0.61 1.38
CA SER B 150 8.05 -1.36 1.42
C SER B 150 7.44 -1.26 2.81
N VAL B 151 8.29 -1.10 3.84
CA VAL B 151 7.79 -0.94 5.19
C VAL B 151 7.11 0.43 5.27
N HIS B 152 7.71 1.44 4.63
CA HIS B 152 7.11 2.77 4.62
C HIS B 152 5.77 2.74 3.97
N ALA B 153 5.67 1.99 2.88
CA ALA B 153 4.41 1.86 2.16
C ALA B 153 3.33 1.33 3.09
N GLU B 154 3.64 0.27 3.81
CA GLU B 154 2.65 -0.33 4.72
C GLU B 154 2.25 0.64 5.84
N ARG B 155 3.23 1.37 6.38
CA ARG B 155 2.94 2.31 7.45
C ARG B 155 2.01 3.41 6.95
N TYR B 156 2.21 3.85 5.72
CA TYR B 156 1.36 4.89 5.14
C TYR B 156 -0.06 4.39 4.93
N LEU B 157 -0.20 3.17 4.44
CA LEU B 157 -1.53 2.62 4.21
C LEU B 157 -2.25 2.42 5.53
N ALA B 158 -1.52 1.99 6.56
CA ALA B 158 -2.11 1.77 7.87
C ALA B 158 -2.63 3.11 8.43
N ALA B 159 -1.82 4.16 8.28
CA ALA B 159 -2.23 5.47 8.78
C ALA B 159 -3.43 6.01 8.02
N TYR B 160 -3.52 5.69 6.73
CA TYR B 160 -4.63 6.10 5.88
C TYR B 160 -5.91 5.44 6.36
N ASN B 161 -5.85 4.14 6.61
CA ASN B 161 -7.01 3.39 7.06
C ASN B 161 -7.50 3.85 8.43
N ASP B 162 -6.57 4.31 9.26
CA ASP B 162 -6.90 4.78 10.61
C ASP B 162 -6.73 6.30 10.71
N ILE B 163 -6.94 7.01 9.61
CA ILE B 163 -6.75 8.45 9.62
C ILE B 163 -7.57 9.18 10.68
N ASP B 164 -8.73 8.63 11.04
CA ASP B 164 -9.58 9.26 12.05
C ASP B 164 -9.55 8.52 13.38
N ALA B 165 -8.55 7.65 13.53
CA ALA B 165 -8.38 6.87 14.75
C ALA B 165 -6.90 6.86 15.17
N PRO B 166 -6.32 8.05 15.37
CA PRO B 166 -4.92 8.11 15.78
C PRO B 166 -4.76 7.66 17.24
N ASP B 167 -3.54 7.39 17.64
CA ASP B 167 -3.27 7.00 19.03
C ASP B 167 -1.97 7.68 19.48
N ASP B 168 -1.50 7.36 20.68
CA ASP B 168 -0.29 7.99 21.20
C ASP B 168 0.99 7.23 20.90
N ASP B 169 0.91 6.18 20.09
CA ASP B 169 2.09 5.40 19.74
C ASP B 169 3.17 6.27 19.13
N LYS B 170 4.42 5.99 19.47
CA LYS B 170 5.54 6.72 18.91
C LYS B 170 6.02 5.87 17.73
N PHE B 171 6.68 6.50 16.77
CA PHE B 171 7.24 5.78 15.64
C PHE B 171 8.71 5.68 15.93
N HIS B 172 9.26 4.48 15.81
CA HIS B 172 10.67 4.26 16.09
C HIS B 172 11.43 4.01 14.80
N LEU B 173 12.44 4.84 14.56
CA LEU B 173 13.26 4.79 13.36
C LEU B 173 14.61 4.11 13.57
N CYS B 174 14.95 3.16 12.71
CA CYS B 174 16.24 2.51 12.81
C CYS B 174 17.24 3.45 12.15
N PRO B 175 18.29 3.85 12.87
CA PRO B 175 19.31 4.76 12.35
C PRO B 175 20.21 4.18 11.27
N ILE B 176 20.14 2.87 11.09
CA ILE B 176 20.99 2.21 10.10
C ILE B 176 20.36 1.97 8.74
N CYS B 177 19.08 1.59 8.71
CA CYS B 177 18.43 1.30 7.43
C CYS B 177 17.15 2.08 7.13
N GLY B 178 16.61 2.79 8.11
CA GLY B 178 15.39 3.53 7.87
C GLY B 178 14.10 2.79 8.15
N TYR B 179 14.21 1.60 8.73
CA TYR B 179 13.03 0.82 9.11
C TYR B 179 12.27 1.64 10.13
N ILE B 180 10.94 1.57 10.09
CA ILE B 180 10.12 2.30 11.04
C ILE B 180 9.11 1.35 11.66
N HIS B 181 9.00 1.43 12.99
CA HIS B 181 8.05 0.60 13.72
C HIS B 181 7.08 1.49 14.49
N LYS B 182 5.81 1.11 14.51
CA LYS B 182 4.80 1.85 15.25
C LYS B 182 4.58 1.14 16.58
N GLY B 183 4.86 1.82 17.68
CA GLY B 183 4.67 1.21 18.97
C GLY B 183 5.93 0.60 19.55
N GLU B 184 5.79 0.00 20.72
CA GLU B 184 6.92 -0.60 21.45
C GLU B 184 7.10 -2.10 21.29
N ASP B 185 6.14 -2.78 20.67
CA ASP B 185 6.21 -4.23 20.54
C ASP B 185 7.18 -4.80 19.52
N PHE B 186 8.47 -4.71 19.82
CA PHE B 186 9.52 -5.26 18.97
C PHE B 186 10.85 -5.28 19.74
N GLU B 187 11.78 -6.13 19.33
CA GLU B 187 13.07 -6.22 20.01
C GLU B 187 14.22 -5.67 19.19
N LYS B 188 14.17 -5.86 17.88
CA LYS B 188 15.23 -5.37 17.01
C LYS B 188 14.70 -5.13 15.60
N CYS B 189 15.53 -4.48 14.78
CA CYS B 189 15.17 -4.18 13.41
C CYS B 189 15.12 -5.46 12.59
N PRO B 190 14.00 -5.70 11.88
CA PRO B 190 13.91 -6.92 11.06
C PRO B 190 14.76 -6.86 9.80
N ILE B 191 15.23 -5.67 9.46
CA ILE B 191 16.04 -5.50 8.26
C ILE B 191 17.54 -5.63 8.53
N CYS B 192 18.02 -5.02 9.61
CA CYS B 192 19.45 -5.07 9.92
C CYS B 192 19.81 -5.55 11.32
N PHE B 193 18.79 -5.90 12.11
CA PHE B 193 18.98 -6.41 13.47
C PHE B 193 19.44 -5.39 14.51
N ARG B 194 19.40 -4.10 14.19
CA ARG B 194 19.79 -3.08 15.15
C ARG B 194 18.86 -3.18 16.37
N PRO B 195 19.42 -3.15 17.59
CA PRO B 195 18.61 -3.25 18.80
C PRO B 195 17.63 -2.08 18.97
N LYS B 196 16.46 -2.37 19.52
CA LYS B 196 15.42 -1.38 19.74
C LYS B 196 15.89 -0.14 20.50
N ASP B 197 16.68 -0.31 21.55
CA ASP B 197 17.12 0.85 22.33
C ASP B 197 18.04 1.83 21.60
N THR B 198 18.40 1.52 20.35
CA THR B 198 19.25 2.42 19.60
C THR B 198 18.43 3.23 18.59
N PHE B 199 17.14 2.92 18.48
CA PHE B 199 16.24 3.61 17.57
C PHE B 199 15.97 5.04 18.04
N THR B 200 15.49 5.87 17.12
CA THR B 200 15.15 7.25 17.44
C THR B 200 13.63 7.32 17.45
N ALA B 201 13.06 7.88 18.51
CA ALA B 201 11.62 7.98 18.65
C ALA B 201 11.02 9.25 18.04
N TYR B 202 9.90 9.08 17.36
CA TYR B 202 9.18 10.18 16.74
C TYR B 202 7.75 10.21 17.26
FE FE2 C . -13.88 -4.48 -4.42
FE FE2 D . -10.26 -4.99 -3.06
FE FE2 E . -18.06 -5.39 7.51
FE FE2 F . 14.45 5.96 0.59
FE FE2 G . 10.64 5.54 1.81
FE FE2 H . 17.62 -1.39 10.57
#